data_3RAG
#
_entry.id   3RAG
#
_cell.length_a   46.696
_cell.length_b   85.889
_cell.length_c   132.971
_cell.angle_alpha   90.00
_cell.angle_beta   90.00
_cell.angle_gamma   90.00
#
_symmetry.space_group_name_H-M   'P 21 21 21'
#
loop_
_entity.id
_entity.type
_entity.pdbx_description
1 polymer 'uncharacterized protein'
2 non-polymer 'SODIUM ION'
3 non-polymer GLYCEROL
4 water water
#
_entity_poly.entity_id   1
_entity_poly.type   'polypeptide(L)'
_entity_poly.pdbx_seq_one_letter_code
;SNA(MSE)TREATIRQILVITDGCSNIGPDPVEAARRAHRHGIVVNVIGIVGRGDAGEQGYQEAHSIADAGGG(MSE)CR
IVQPADISATAQ(MSE)(MSE)THQT(MSE)Q(MSE)TLQQVVNQELLAV(MSE)GKSTEDLPPADRARV(MSE)QVVEK
LEDEVALHLVVCLDTSAS(MSE)RDKIPTVREAVRDLALSLKVRSGPLAVSVIAFPGKGEEATRLVQPFSSEVNVAALEA
ELVARGGTPTGPAIDHAADLLLSHARNVDEDAPRREFG
;
_entity_poly.pdbx_strand_id   A,B
#
loop_
_chem_comp.id
_chem_comp.type
_chem_comp.name
_chem_comp.formula
GOL non-polymer GLYCEROL 'C3 H8 O3'
NA non-polymer 'SODIUM ION' 'Na 1'
#
# COMPACT_ATOMS: atom_id res chain seq x y z
N ASN A 2 4.39 13.68 -6.21
CA ASN A 2 5.02 14.63 -7.10
C ASN A 2 5.12 14.16 -8.56
N ALA A 3 5.61 15.04 -9.42
CA ALA A 3 5.68 14.76 -10.86
C ALA A 3 6.56 13.56 -11.18
N MSE A 4 7.71 13.47 -10.54
CA MSE A 4 8.65 12.42 -10.89
C MSE A 4 8.11 11.04 -10.52
O MSE A 4 8.41 10.05 -11.17
CB MSE A 4 10.01 12.69 -10.27
CG MSE A 4 10.26 11.97 -8.98
SE MSE A 4 11.98 11.51 -9.03
CE MSE A 4 12.11 11.15 -10.78
N THR A 5 7.29 10.99 -9.47
CA THR A 5 6.63 9.76 -9.06
C THR A 5 5.58 9.36 -10.10
N ARG A 6 4.84 10.36 -10.58
CA ARG A 6 3.80 10.11 -11.57
C ARG A 6 4.42 9.66 -12.88
N GLU A 7 5.61 10.16 -13.16
CA GLU A 7 6.26 9.87 -14.43
C GLU A 7 7.03 8.55 -14.41
N ALA A 8 7.38 8.07 -13.22
CA ALA A 8 8.28 6.92 -13.12
C ALA A 8 7.53 5.58 -13.04
N THR A 9 6.37 5.51 -13.69
CA THR A 9 5.57 4.27 -13.70
C THR A 9 6.41 3.06 -14.10
N ILE A 10 6.29 1.97 -13.35
CA ILE A 10 7.08 0.76 -13.61
C ILE A 10 6.23 -0.19 -14.46
N ARG A 11 6.85 -0.79 -15.49
CA ARG A 11 6.15 -1.69 -16.40
C ARG A 11 6.94 -2.99 -16.54
N GLN A 12 6.32 -4.10 -16.17
CA GLN A 12 7.05 -5.35 -16.14
C GLN A 12 6.22 -6.46 -16.71
N ILE A 13 6.91 -7.42 -17.31
CA ILE A 13 6.29 -8.65 -17.77
C ILE A 13 6.96 -9.76 -16.99
N LEU A 14 6.18 -10.60 -16.32
CA LEU A 14 6.76 -11.70 -15.55
C LEU A 14 6.35 -13.01 -16.20
N VAL A 15 7.31 -13.74 -16.76
CA VAL A 15 6.98 -15.00 -17.42
C VAL A 15 7.26 -16.13 -16.43
N ILE A 16 6.29 -17.02 -16.25
CA ILE A 16 6.46 -18.20 -15.38
C ILE A 16 6.30 -19.43 -16.26
N THR A 17 7.32 -20.28 -16.31
CA THR A 17 7.37 -21.28 -17.38
C THR A 17 8.12 -22.52 -16.93
N ASP A 18 7.83 -23.66 -17.56
CA ASP A 18 8.61 -24.87 -17.25
C ASP A 18 9.48 -25.37 -18.40
N GLY A 19 9.83 -24.47 -19.33
CA GLY A 19 10.83 -24.82 -20.32
C GLY A 19 10.82 -23.93 -21.55
N CYS A 20 11.89 -23.98 -22.34
CA CYS A 20 12.05 -23.11 -23.49
C CYS A 20 10.92 -23.23 -24.52
N SER A 21 10.68 -22.14 -25.25
CA SER A 21 9.65 -22.16 -26.31
C SER A 21 9.92 -23.26 -27.31
N ASN A 22 8.85 -23.81 -27.90
CA ASN A 22 9.04 -24.85 -28.89
C ASN A 22 8.12 -24.67 -30.07
N ILE A 23 7.43 -23.53 -30.13
CA ILE A 23 6.59 -23.24 -31.30
C ILE A 23 6.52 -21.72 -31.46
N GLY A 24 6.50 -21.25 -32.71
CA GLY A 24 6.36 -19.82 -32.89
C GLY A 24 7.68 -19.07 -32.83
N PRO A 25 7.60 -17.74 -32.91
CA PRO A 25 8.80 -16.92 -33.10
C PRO A 25 9.59 -16.71 -31.80
N ASP A 26 10.79 -16.19 -31.96
CA ASP A 26 11.77 -16.14 -30.86
C ASP A 26 11.44 -15.16 -29.73
N PRO A 27 11.24 -15.67 -28.51
CA PRO A 27 10.87 -14.79 -27.40
C PRO A 27 12.01 -13.87 -26.97
N VAL A 28 13.25 -14.22 -27.32
CA VAL A 28 14.35 -13.33 -26.97
C VAL A 28 14.18 -11.99 -27.70
N GLU A 29 13.81 -12.05 -28.97
CA GLU A 29 13.54 -10.86 -29.75
C GLU A 29 12.32 -10.09 -29.22
N ALA A 30 11.30 -10.84 -28.80
CA ALA A 30 10.10 -10.22 -28.22
C ALA A 30 10.47 -9.42 -26.98
N ALA A 31 11.35 -9.99 -26.14
CA ALA A 31 11.75 -9.29 -24.92
C ALA A 31 12.59 -8.06 -25.28
N ARG A 32 13.44 -8.19 -26.28
CA ARG A 32 14.27 -7.07 -26.72
C ARG A 32 13.36 -5.92 -27.20
N ARG A 33 12.34 -6.24 -27.99
CA ARG A 33 11.33 -5.24 -28.38
C ARG A 33 10.64 -4.59 -27.20
N ALA A 34 10.18 -5.40 -26.25
CA ALA A 34 9.55 -4.87 -25.04
C ALA A 34 10.45 -3.87 -24.31
N HIS A 35 11.71 -4.24 -24.15
CA HIS A 35 12.65 -3.42 -23.38
C HIS A 35 12.92 -2.05 -24.01
N ARG A 36 12.81 -1.95 -25.34
CA ARG A 36 12.98 -0.65 -25.99
C ARG A 36 11.93 0.35 -25.49
N HIS A 37 10.81 -0.17 -24.98
CA HIS A 37 9.76 0.69 -24.43
C HIS A 37 9.92 0.93 -22.95
N GLY A 38 11.01 0.43 -22.37
CA GLY A 38 11.23 0.57 -20.95
C GLY A 38 10.61 -0.55 -20.10
N ILE A 39 9.97 -1.51 -20.75
CA ILE A 39 9.40 -2.65 -20.03
C ILE A 39 10.53 -3.57 -19.60
N VAL A 40 10.46 -4.10 -18.37
CA VAL A 40 11.47 -5.05 -17.92
C VAL A 40 10.82 -6.42 -17.95
N VAL A 41 11.51 -7.43 -18.48
CA VAL A 41 10.95 -8.78 -18.57
C VAL A 41 11.74 -9.68 -17.63
N ASN A 42 11.03 -10.28 -16.67
CA ASN A 42 11.60 -11.21 -15.71
C ASN A 42 11.09 -12.63 -16.02
N VAL A 43 11.91 -13.64 -15.74
CA VAL A 43 11.48 -15.02 -16.04
C VAL A 43 11.74 -15.91 -14.83
N ILE A 44 10.72 -16.64 -14.44
CA ILE A 44 10.89 -17.72 -13.47
C ILE A 44 10.77 -19.06 -14.19
N GLY A 45 11.84 -19.84 -14.11
CA GLY A 45 11.81 -21.21 -14.64
C GLY A 45 11.51 -22.15 -13.47
N ILE A 46 10.74 -23.20 -13.72
CA ILE A 46 10.33 -24.09 -12.64
C ILE A 46 11.10 -25.40 -12.69
N VAL A 47 11.71 -25.76 -11.56
CA VAL A 47 12.30 -27.09 -11.42
C VAL A 47 11.18 -28.12 -11.14
N GLY A 48 10.94 -29.03 -12.07
CA GLY A 48 9.97 -30.10 -11.91
C GLY A 48 10.61 -31.38 -11.38
N ARG A 49 10.28 -32.53 -11.98
CA ARG A 49 10.85 -33.81 -11.58
C ARG A 49 11.00 -34.74 -12.80
N GLY A 50 11.72 -35.84 -12.64
CA GLY A 50 11.98 -36.75 -13.74
C GLY A 50 13.33 -36.46 -14.37
N ASP A 51 13.44 -36.64 -15.68
CA ASP A 51 14.73 -36.43 -16.35
C ASP A 51 14.91 -34.98 -16.82
N ALA A 52 13.91 -34.14 -16.52
CA ALA A 52 13.94 -32.71 -16.84
C ALA A 52 14.18 -32.41 -18.33
N GLY A 53 13.82 -33.35 -19.19
CA GLY A 53 14.11 -33.24 -20.61
C GLY A 53 13.62 -31.95 -21.23
N GLU A 54 12.45 -31.47 -20.82
CA GLU A 54 11.83 -30.30 -21.45
C GLU A 54 12.20 -29.00 -20.76
N GLN A 55 12.84 -29.13 -19.60
CA GLN A 55 13.11 -27.96 -18.79
C GLN A 55 14.45 -27.31 -19.14
N GLY A 56 14.56 -26.79 -20.36
CA GLY A 56 15.77 -26.07 -20.72
C GLY A 56 15.59 -24.58 -20.47
N TYR A 57 16.52 -23.99 -19.73
CA TYR A 57 16.41 -22.60 -19.35
C TYR A 57 17.50 -21.68 -19.92
N GLN A 58 18.17 -22.14 -20.97
N GLN A 58 18.24 -22.11 -20.93
CA GLN A 58 19.11 -21.32 -21.71
CA GLN A 58 19.13 -21.16 -21.62
C GLN A 58 18.39 -20.11 -22.33
C GLN A 58 18.26 -20.02 -22.11
N GLU A 59 17.19 -20.36 -22.84
CA GLU A 59 16.33 -19.32 -23.42
C GLU A 59 15.81 -18.38 -22.34
N ALA A 60 15.36 -18.92 -21.22
CA ALA A 60 14.89 -18.06 -20.11
C ALA A 60 15.95 -17.02 -19.72
N HIS A 61 17.20 -17.45 -19.62
CA HIS A 61 18.28 -16.53 -19.30
C HIS A 61 18.45 -15.46 -20.39
N SER A 62 18.37 -15.89 -21.65
CA SER A 62 18.51 -14.95 -22.76
C SER A 62 17.34 -13.96 -22.82
N ILE A 63 16.14 -14.44 -22.47
CA ILE A 63 14.96 -13.58 -22.43
C ILE A 63 15.15 -12.51 -21.37
N ALA A 64 15.56 -12.91 -20.17
CA ALA A 64 15.74 -11.93 -19.11
C ALA A 64 16.86 -10.93 -19.46
N ASP A 65 17.94 -11.43 -20.06
CA ASP A 65 19.03 -10.56 -20.46
C ASP A 65 18.53 -9.51 -21.44
N ALA A 66 17.85 -9.95 -22.50
CA ALA A 66 17.37 -9.02 -23.52
C ALA A 66 16.26 -8.10 -23.02
N GLY A 67 15.48 -8.58 -22.05
CA GLY A 67 14.40 -7.78 -21.49
C GLY A 67 14.80 -6.93 -20.29
N GLY A 68 16.11 -6.89 -20.02
CA GLY A 68 16.64 -6.05 -18.95
C GLY A 68 16.21 -6.49 -17.56
N GLY A 69 15.87 -7.77 -17.41
CA GLY A 69 15.37 -8.25 -16.13
C GLY A 69 16.19 -9.41 -15.54
N MSE A 70 15.53 -10.23 -14.72
CA MSE A 70 16.22 -11.29 -13.97
C MSE A 70 15.64 -12.63 -14.35
O MSE A 70 14.46 -12.71 -14.68
CB MSE A 70 16.00 -11.08 -12.45
CG MSE A 70 16.82 -9.96 -11.82
SE MSE A 70 16.49 -9.75 -10.04
CE MSE A 70 15.91 -11.33 -9.57
N CYS A 71 16.45 -13.67 -14.26
CA CYS A 71 15.97 -15.03 -14.40
C CYS A 71 16.31 -15.80 -13.12
N ARG A 72 15.32 -16.48 -12.56
CA ARG A 72 15.57 -17.37 -11.43
C ARG A 72 14.90 -18.70 -11.75
N ILE A 73 15.46 -19.77 -11.22
CA ILE A 73 15.00 -21.13 -11.49
C ILE A 73 14.72 -21.79 -10.14
N VAL A 74 13.47 -22.17 -9.89
CA VAL A 74 13.11 -22.53 -8.51
C VAL A 74 12.11 -23.67 -8.47
N GLN A 75 12.05 -24.35 -7.34
CA GLN A 75 11.00 -25.35 -7.15
C GLN A 75 9.64 -24.67 -6.97
N PRO A 76 8.55 -25.40 -7.24
CA PRO A 76 7.20 -24.83 -7.20
C PRO A 76 6.90 -24.13 -5.87
N ALA A 77 7.32 -24.72 -4.76
CA ALA A 77 7.06 -24.14 -3.43
C ALA A 77 7.63 -22.73 -3.29
N ASP A 78 8.64 -22.41 -4.10
CA ASP A 78 9.31 -21.12 -3.96
C ASP A 78 8.93 -20.08 -4.98
N ILE A 79 7.99 -20.40 -5.86
CA ILE A 79 7.64 -19.45 -6.91
C ILE A 79 7.12 -18.13 -6.36
N SER A 80 6.26 -18.19 -5.34
CA SER A 80 5.65 -16.98 -4.82
C SER A 80 6.69 -15.99 -4.24
N ALA A 81 7.47 -16.48 -3.29
CA ALA A 81 8.52 -15.66 -2.71
C ALA A 81 9.50 -15.15 -3.77
N THR A 82 9.81 -16.00 -4.74
CA THR A 82 10.75 -15.61 -5.78
C THR A 82 10.20 -14.48 -6.66
N ALA A 83 8.94 -14.61 -7.05
CA ALA A 83 8.27 -13.57 -7.86
C ALA A 83 8.25 -12.23 -7.13
N GLN A 84 7.95 -12.26 -5.83
CA GLN A 84 7.94 -11.02 -5.05
C GLN A 84 9.34 -10.42 -4.98
N MSE A 85 10.36 -11.22 -4.69
CA MSE A 85 11.73 -10.69 -4.63
C MSE A 85 12.16 -10.08 -5.96
O MSE A 85 12.77 -9.01 -5.98
CB MSE A 85 12.75 -11.78 -4.23
CG MSE A 85 14.23 -11.33 -4.29
SE MSE A 85 15.12 -11.45 -5.89
CE MSE A 85 15.24 -13.22 -6.12
N MSE A 86 11.89 -10.77 -7.06
CA MSE A 86 12.41 -10.31 -8.34
C MSE A 86 11.75 -9.00 -8.72
O MSE A 86 12.41 -8.09 -9.25
CB MSE A 86 12.19 -11.33 -9.47
CG MSE A 86 13.01 -12.63 -9.36
SE MSE A 86 12.41 -13.91 -10.56
CE MSE A 86 11.24 -13.06 -11.41
N THR A 87 10.44 -8.93 -8.48
CA THR A 87 9.65 -7.76 -8.89
C THR A 87 10.20 -6.55 -8.13
N HIS A 88 10.36 -6.70 -6.82
CA HIS A 88 10.94 -5.60 -6.03
C HIS A 88 12.38 -5.25 -6.39
N GLN A 89 13.23 -6.26 -6.58
CA GLN A 89 14.62 -5.95 -6.87
C GLN A 89 14.79 -5.27 -8.23
N THR A 90 14.07 -5.72 -9.26
CA THR A 90 14.18 -5.07 -10.57
C THR A 90 13.50 -3.67 -10.57
N MSE A 91 12.39 -3.52 -9.85
CA MSE A 91 11.77 -2.18 -9.68
C MSE A 91 12.78 -1.24 -9.01
O MSE A 91 13.00 -0.11 -9.46
CB MSE A 91 10.44 -2.27 -8.87
CG MSE A 91 9.76 -0.90 -8.51
SE MSE A 91 7.95 -0.99 -8.17
CE MSE A 91 7.88 -2.78 -7.99
N GLN A 92 13.45 -1.73 -7.98
CA GLN A 92 14.46 -0.92 -7.30
C GLN A 92 15.58 -0.50 -8.24
N MSE A 93 16.13 -1.44 -9.01
CA MSE A 93 17.19 -1.09 -9.96
C MSE A 93 16.75 -0.08 -11.03
O MSE A 93 17.50 0.85 -11.37
CB MSE A 93 17.79 -2.37 -10.61
CG MSE A 93 18.68 -3.15 -9.63
SE MSE A 93 19.42 -4.69 -10.28
CE MSE A 93 18.01 -5.74 -10.43
N THR A 94 15.54 -0.26 -11.55
CA THR A 94 15.03 0.65 -12.56
C THR A 94 14.88 2.07 -11.97
N LEU A 95 14.33 2.14 -10.77
CA LEU A 95 14.11 3.45 -10.14
C LEU A 95 15.44 4.13 -9.75
N GLN A 96 16.44 3.34 -9.38
CA GLN A 96 17.75 3.90 -9.09
C GLN A 96 18.30 4.56 -10.35
N GLN A 97 18.08 3.92 -11.50
CA GLN A 97 18.55 4.48 -12.76
C GLN A 97 17.80 5.75 -13.07
N VAL A 98 16.49 5.75 -12.86
CA VAL A 98 15.68 6.94 -13.09
C VAL A 98 16.17 8.12 -12.26
N VAL A 99 16.43 7.85 -10.98
CA VAL A 99 16.84 8.93 -10.08
C VAL A 99 18.23 9.44 -10.45
N ASN A 100 19.11 8.52 -10.84
CA ASN A 100 20.45 8.92 -11.26
C ASN A 100 20.38 9.85 -12.49
N GLN A 101 19.56 9.49 -13.47
CA GLN A 101 19.36 10.37 -14.63
C GLN A 101 18.81 11.76 -14.30
N GLU A 102 17.92 11.84 -13.31
CA GLU A 102 17.35 13.12 -12.89
C GLU A 102 18.43 13.93 -12.21
N LEU A 103 19.25 13.26 -11.40
CA LEU A 103 20.34 13.95 -10.71
C LEU A 103 21.28 14.60 -11.72
N LEU A 104 21.57 13.86 -12.79
CA LEU A 104 22.44 14.36 -13.84
C LEU A 104 21.84 15.56 -14.55
N ALA A 105 20.53 15.56 -14.73
CA ALA A 105 19.85 16.66 -15.40
C ALA A 105 19.80 17.95 -14.56
N VAL A 106 19.46 17.79 -13.28
CA VAL A 106 19.40 18.90 -12.33
C VAL A 106 20.82 19.37 -12.01
N MSE A 107 21.68 18.38 -11.87
CA MSE A 107 23.08 18.56 -11.50
C MSE A 107 23.89 17.67 -12.44
O MSE A 107 23.35 16.77 -13.08
CB MSE A 107 23.31 18.14 -10.05
CG MSE A 107 23.28 19.29 -9.05
SE MSE A 107 23.40 18.71 -7.19
CE MSE A 107 22.40 17.05 -7.33
N GLY A 108 25.19 17.93 -12.50
CA GLY A 108 26.08 17.17 -13.37
C GLY A 108 26.56 15.92 -12.65
N LYS A 109 26.03 15.69 -11.45
CA LYS A 109 26.46 14.57 -10.63
C LYS A 109 25.54 13.35 -10.54
N SER A 110 26.17 12.18 -10.68
CA SER A 110 25.56 10.87 -10.53
C SER A 110 25.58 10.55 -9.03
N THR A 111 24.87 9.51 -8.60
CA THR A 111 24.78 9.25 -7.17
C THR A 111 26.16 8.94 -6.60
N GLU A 112 27.02 8.38 -7.44
CA GLU A 112 28.40 8.04 -7.06
C GLU A 112 29.26 9.27 -6.75
N ASP A 113 28.85 10.43 -7.27
CA ASP A 113 29.58 11.69 -7.09
C ASP A 113 29.12 12.41 -5.82
N LEU A 114 28.09 11.88 -5.16
CA LEU A 114 27.56 12.50 -3.95
C LEU A 114 28.27 11.95 -2.73
N PRO A 115 28.37 12.75 -1.66
CA PRO A 115 28.89 12.21 -0.40
C PRO A 115 27.90 11.24 0.23
N PRO A 116 28.40 10.30 1.04
CA PRO A 116 27.61 9.26 1.70
C PRO A 116 26.28 9.76 2.24
N ALA A 117 26.26 10.92 2.89
CA ALA A 117 25.04 11.47 3.47
C ALA A 117 23.97 11.78 2.41
N ASP A 118 24.40 12.36 1.29
CA ASP A 118 23.49 12.68 0.19
C ASP A 118 23.07 11.42 -0.53
N ARG A 119 24.01 10.48 -0.70
CA ARG A 119 23.67 9.21 -1.33
C ARG A 119 22.58 8.49 -0.54
N ALA A 120 22.64 8.62 0.77
CA ALA A 120 21.62 8.05 1.66
C ALA A 120 20.26 8.72 1.49
N ARG A 121 20.25 10.03 1.28
CA ARG A 121 19.02 10.77 1.07
C ARG A 121 18.38 10.31 -0.23
N VAL A 122 19.21 10.17 -1.24
CA VAL A 122 18.73 9.73 -2.55
C VAL A 122 18.17 8.32 -2.49
N MSE A 123 18.81 7.44 -1.72
CA MSE A 123 18.29 6.08 -1.61
C MSE A 123 16.92 6.08 -0.89
O MSE A 123 16.07 5.23 -1.17
CB MSE A 123 19.30 5.15 -0.92
CG MSE A 123 20.51 4.80 -1.80
SE MSE A 123 20.18 4.21 -3.49
CE MSE A 123 18.87 2.96 -3.19
N GLN A 124 16.71 7.04 0.00
CA GLN A 124 15.40 7.17 0.64
C GLN A 124 14.34 7.61 -0.38
N VAL A 125 14.74 8.50 -1.28
CA VAL A 125 13.88 8.87 -2.40
C VAL A 125 13.51 7.65 -3.25
N VAL A 126 14.49 6.79 -3.53
CA VAL A 126 14.25 5.58 -4.32
C VAL A 126 13.30 4.62 -3.60
N GLU A 127 13.49 4.45 -2.28
CA GLU A 127 12.60 3.60 -1.50
C GLU A 127 11.18 4.15 -1.51
N LYS A 128 11.06 5.46 -1.45
CA LYS A 128 9.75 6.10 -1.52
C LYS A 128 9.13 5.82 -2.89
N LEU A 129 9.92 5.99 -3.96
CA LEU A 129 9.42 5.68 -5.30
C LEU A 129 8.97 4.22 -5.39
N GLU A 130 9.77 3.32 -4.82
N GLU A 130 9.76 3.32 -4.82
CA GLU A 130 9.44 1.89 -4.83
CA GLU A 130 9.44 1.89 -4.87
C GLU A 130 8.04 1.65 -4.30
C GLU A 130 8.06 1.61 -4.26
N ASP A 131 7.64 2.45 -3.31
CA ASP A 131 6.33 2.29 -2.69
C ASP A 131 5.22 3.01 -3.43
N GLU A 132 5.55 4.14 -4.07
CA GLU A 132 4.55 5.10 -4.52
C GLU A 132 4.26 5.17 -6.01
N VAL A 133 5.19 4.72 -6.85
CA VAL A 133 4.92 4.76 -8.29
C VAL A 133 3.82 3.75 -8.65
N ALA A 134 3.16 3.99 -9.77
CA ALA A 134 2.24 3.00 -10.31
C ALA A 134 3.07 1.81 -10.78
N LEU A 135 2.51 0.61 -10.64
CA LEU A 135 3.17 -0.59 -11.09
C LEU A 135 2.23 -1.28 -12.07
N HIS A 136 2.66 -1.43 -13.31
CA HIS A 136 1.84 -2.12 -14.31
C HIS A 136 2.55 -3.43 -14.62
N LEU A 137 1.86 -4.55 -14.44
CA LEU A 137 2.49 -5.86 -14.48
C LEU A 137 1.62 -6.80 -15.29
N VAL A 138 2.21 -7.47 -16.27
CA VAL A 138 1.49 -8.55 -16.93
C VAL A 138 2.18 -9.85 -16.56
N VAL A 139 1.42 -10.78 -15.99
CA VAL A 139 1.97 -12.08 -15.64
C VAL A 139 1.61 -13.04 -16.79
N CYS A 140 2.61 -13.64 -17.44
CA CYS A 140 2.40 -14.56 -18.58
C CYS A 140 2.64 -15.96 -18.07
N LEU A 141 1.59 -16.78 -18.10
CA LEU A 141 1.64 -18.11 -17.50
C LEU A 141 1.63 -19.18 -18.59
N ASP A 142 2.68 -19.98 -18.57
CA ASP A 142 2.86 -21.13 -19.47
C ASP A 142 1.77 -22.13 -19.08
N THR A 143 0.98 -22.56 -20.06
CA THR A 143 -0.01 -23.60 -19.81
C THR A 143 0.15 -24.73 -20.81
N SER A 144 1.39 -25.01 -21.21
CA SER A 144 1.62 -26.17 -22.07
C SER A 144 1.28 -27.44 -21.30
N ALA A 145 1.19 -28.56 -22.00
CA ALA A 145 0.74 -29.81 -21.37
C ALA A 145 1.56 -30.18 -20.15
N SER A 146 2.87 -29.98 -20.20
CA SER A 146 3.70 -30.41 -19.08
C SER A 146 3.47 -29.56 -17.82
N MSE A 147 2.74 -28.46 -17.95
CA MSE A 147 2.52 -27.58 -16.79
C MSE A 147 1.41 -28.09 -15.87
O MSE A 147 1.14 -27.50 -14.82
CB MSE A 147 2.14 -26.14 -17.24
CG MSE A 147 3.34 -25.24 -17.64
SE MSE A 147 4.43 -24.66 -16.27
CE MSE A 147 3.26 -23.71 -15.30
N ARG A 148 0.75 -29.20 -16.25
CA ARG A 148 -0.50 -29.59 -15.59
C ARG A 148 -0.36 -29.68 -14.07
N ASP A 149 0.74 -30.28 -13.61
CA ASP A 149 0.89 -30.47 -12.17
C ASP A 149 1.49 -29.28 -11.44
N LYS A 150 1.91 -28.26 -12.19
CA LYS A 150 2.50 -27.07 -11.58
C LYS A 150 1.45 -26.00 -11.46
N ILE A 151 0.41 -26.11 -12.27
CA ILE A 151 -0.61 -25.06 -12.35
C ILE A 151 -1.29 -24.71 -11.01
N PRO A 152 -1.66 -25.73 -10.20
CA PRO A 152 -2.29 -25.31 -8.95
C PRO A 152 -1.37 -24.45 -8.06
N THR A 153 -0.08 -24.76 -8.05
CA THR A 153 0.85 -23.97 -7.23
C THR A 153 1.01 -22.59 -7.82
N VAL A 154 1.07 -22.53 -9.15
CA VAL A 154 1.19 -21.26 -9.85
C VAL A 154 -0.01 -20.36 -9.61
N ARG A 155 -1.21 -20.92 -9.64
CA ARG A 155 -2.38 -20.11 -9.36
C ARG A 155 -2.27 -19.45 -7.98
N GLU A 156 -1.83 -20.23 -6.99
CA GLU A 156 -1.71 -19.68 -5.63
C GLU A 156 -0.62 -18.60 -5.55
N ALA A 157 0.48 -18.84 -6.26
CA ALA A 157 1.62 -17.93 -6.27
C ALA A 157 1.24 -16.59 -6.88
N VAL A 158 0.46 -16.63 -7.94
CA VAL A 158 0.07 -15.41 -8.62
C VAL A 158 -0.88 -14.60 -7.73
N ARG A 159 -1.81 -15.30 -7.10
CA ARG A 159 -2.70 -14.64 -6.15
C ARG A 159 -1.89 -13.98 -5.04
N ASP A 160 -0.92 -14.71 -4.50
CA ASP A 160 -0.10 -14.19 -3.40
C ASP A 160 0.75 -12.99 -3.84
N LEU A 161 1.23 -13.03 -5.08
CA LEU A 161 2.05 -11.94 -5.59
C LEU A 161 1.22 -10.66 -5.61
N ALA A 162 0.02 -10.76 -6.17
CA ALA A 162 -0.84 -9.60 -6.28
C ALA A 162 -1.21 -9.08 -4.91
N LEU A 163 -1.50 -10.00 -3.99
CA LEU A 163 -1.88 -9.57 -2.65
C LEU A 163 -0.72 -8.83 -1.98
N SER A 164 0.51 -9.34 -2.17
CA SER A 164 1.67 -8.69 -1.55
C SER A 164 1.94 -7.30 -2.14
N LEU A 165 1.76 -7.16 -3.45
CA LEU A 165 1.97 -5.88 -4.10
C LEU A 165 0.93 -4.82 -3.74
N LYS A 166 -0.25 -5.27 -3.32
CA LYS A 166 -1.33 -4.34 -3.01
C LYS A 166 -1.03 -3.54 -1.74
N VAL A 167 -0.10 -4.03 -0.94
CA VAL A 167 0.33 -3.35 0.28
C VAL A 167 0.95 -1.98 -0.02
N ARG A 168 1.62 -1.87 -1.17
CA ARG A 168 2.25 -0.62 -1.61
C ARG A 168 1.25 0.52 -1.66
N SER A 169 1.72 1.75 -1.47
CA SER A 169 0.86 2.92 -1.59
C SER A 169 0.43 3.11 -3.01
N GLY A 170 1.33 2.87 -3.95
CA GLY A 170 1.07 3.22 -5.33
C GLY A 170 0.10 2.27 -5.99
N PRO A 171 -0.52 2.71 -7.09
CA PRO A 171 -1.53 1.85 -7.71
C PRO A 171 -0.91 0.60 -8.35
N LEU A 172 -1.67 -0.48 -8.29
CA LEU A 172 -1.31 -1.72 -8.94
C LEU A 172 -2.29 -2.02 -10.08
N ALA A 173 -1.75 -2.32 -11.25
CA ALA A 173 -2.56 -2.79 -12.36
C ALA A 173 -1.93 -4.10 -12.84
N VAL A 174 -2.61 -5.21 -12.60
CA VAL A 174 -2.09 -6.52 -13.01
C VAL A 174 -3.02 -7.15 -14.01
N SER A 175 -2.43 -7.67 -15.09
CA SER A 175 -3.19 -8.45 -16.07
C SER A 175 -2.53 -9.81 -16.15
N VAL A 176 -3.31 -10.83 -16.52
CA VAL A 176 -2.73 -12.17 -16.62
C VAL A 176 -3.05 -12.73 -18.00
N ILE A 177 -2.03 -13.31 -18.62
CA ILE A 177 -2.29 -14.06 -19.84
C ILE A 177 -1.70 -15.44 -19.72
N ALA A 178 -2.29 -16.36 -20.48
CA ALA A 178 -1.83 -17.73 -20.58
C ALA A 178 -1.33 -17.99 -22.00
N PHE A 179 -0.32 -18.86 -22.11
CA PHE A 179 0.17 -19.29 -23.41
C PHE A 179 0.46 -20.78 -23.33
N PRO A 180 -0.07 -21.54 -24.29
CA PRO A 180 -0.84 -21.11 -25.47
C PRO A 180 -2.30 -20.74 -25.16
N GLY A 181 -3.04 -20.35 -26.19
CA GLY A 181 -4.42 -19.90 -26.00
C GLY A 181 -5.45 -21.00 -26.22
N LYS A 182 -6.73 -20.64 -26.17
CA LYS A 182 -7.80 -21.62 -26.35
C LYS A 182 -7.79 -22.12 -27.77
N GLY A 183 -8.20 -23.38 -27.96
CA GLY A 183 -8.23 -23.95 -29.28
C GLY A 183 -6.87 -23.80 -29.94
N GLU A 184 -6.84 -23.09 -31.07
CA GLU A 184 -5.62 -22.94 -31.85
C GLU A 184 -4.98 -21.57 -31.63
N GLU A 185 -5.50 -20.79 -30.68
CA GLU A 185 -4.96 -19.46 -30.43
C GLU A 185 -3.61 -19.47 -29.72
N ALA A 186 -2.86 -18.38 -29.86
CA ALA A 186 -1.49 -18.30 -29.34
C ALA A 186 -1.44 -17.92 -27.86
N THR A 187 -2.38 -17.10 -27.43
CA THR A 187 -2.45 -16.68 -26.03
C THR A 187 -3.90 -16.50 -25.64
N ARG A 188 -4.13 -16.45 -24.34
CA ARG A 188 -5.48 -16.23 -23.84
C ARG A 188 -5.39 -15.12 -22.80
N LEU A 189 -6.23 -14.09 -22.92
CA LEU A 189 -6.28 -13.08 -21.89
C LEU A 189 -7.08 -13.65 -20.72
N VAL A 190 -6.42 -13.87 -19.60
CA VAL A 190 -7.09 -14.43 -18.42
C VAL A 190 -7.86 -13.35 -17.64
N GLN A 191 -7.22 -12.21 -17.44
CA GLN A 191 -7.94 -11.06 -16.92
C GLN A 191 -7.32 -9.80 -17.46
N PRO A 192 -8.14 -8.78 -17.69
CA PRO A 192 -7.63 -7.46 -18.07
C PRO A 192 -7.00 -6.83 -16.85
N PHE A 193 -6.33 -5.70 -17.02
CA PHE A 193 -5.73 -5.00 -15.87
C PHE A 193 -6.71 -4.71 -14.74
N SER A 194 -6.28 -5.04 -13.53
CA SER A 194 -7.11 -4.83 -12.35
C SER A 194 -6.21 -4.68 -11.14
N SER A 195 -6.75 -4.15 -10.05
CA SER A 195 -5.97 -4.07 -8.82
C SER A 195 -5.93 -5.41 -8.10
N GLU A 196 -6.72 -6.38 -8.55
CA GLU A 196 -6.70 -7.71 -7.95
C GLU A 196 -6.63 -8.83 -8.98
N VAL A 197 -6.24 -10.00 -8.52
CA VAL A 197 -6.23 -11.19 -9.36
C VAL A 197 -7.53 -11.96 -9.15
N ASN A 198 -8.22 -12.26 -10.24
CA ASN A 198 -9.50 -12.98 -10.22
C ASN A 198 -9.24 -14.48 -10.15
N VAL A 199 -9.41 -15.08 -8.98
CA VAL A 199 -8.98 -16.48 -8.85
C VAL A 199 -9.86 -17.45 -9.64
N ALA A 200 -11.17 -17.16 -9.74
CA ALA A 200 -12.04 -18.01 -10.52
C ALA A 200 -11.59 -18.02 -11.97
N ALA A 201 -11.13 -16.87 -12.46
CA ALA A 201 -10.65 -16.81 -13.84
C ALA A 201 -9.39 -17.63 -14.03
N LEU A 202 -8.43 -17.51 -13.10
CA LEU A 202 -7.24 -18.37 -13.17
C LEU A 202 -7.63 -19.84 -13.26
N GLU A 203 -8.55 -20.28 -12.40
CA GLU A 203 -8.92 -21.69 -12.40
C GLU A 203 -9.57 -22.13 -13.70
N ALA A 204 -10.44 -21.28 -14.25
CA ALA A 204 -11.17 -21.63 -15.47
C ALA A 204 -10.28 -21.61 -16.69
N GLU A 205 -9.32 -20.69 -16.72
CA GLU A 205 -8.59 -20.42 -17.97
C GLU A 205 -7.24 -21.11 -18.09
N LEU A 206 -6.68 -21.60 -16.98
CA LEU A 206 -5.37 -22.23 -17.05
C LEU A 206 -5.49 -23.73 -17.29
N VAL A 207 -5.55 -24.09 -18.57
CA VAL A 207 -5.68 -25.48 -18.96
C VAL A 207 -4.37 -25.92 -19.60
N ALA A 208 -3.81 -27.01 -19.11
CA ALA A 208 -2.53 -27.47 -19.63
C ALA A 208 -2.69 -28.34 -20.86
N ARG A 209 -2.34 -27.76 -22.00
CA ARG A 209 -2.37 -28.46 -23.27
C ARG A 209 -1.48 -27.73 -24.27
N GLY A 210 -1.06 -28.43 -25.31
CA GLY A 210 -0.25 -27.82 -26.35
C GLY A 210 1.21 -27.60 -26.04
N GLY A 211 1.86 -26.83 -26.92
CA GLY A 211 3.28 -26.53 -26.81
C GLY A 211 3.45 -25.20 -26.13
N THR A 212 4.63 -24.60 -26.27
CA THR A 212 4.88 -23.32 -25.65
C THR A 212 5.29 -22.25 -26.66
N PRO A 213 4.42 -21.26 -26.81
CA PRO A 213 4.66 -20.10 -27.67
C PRO A 213 5.01 -18.87 -26.83
N THR A 214 6.20 -18.91 -26.27
CA THR A 214 6.62 -17.86 -25.38
C THR A 214 6.76 -16.52 -26.08
N GLY A 215 7.18 -16.52 -27.35
CA GLY A 215 7.35 -15.26 -28.06
C GLY A 215 6.06 -14.44 -28.16
N PRO A 216 5.03 -15.02 -28.75
CA PRO A 216 3.74 -14.33 -28.84
C PRO A 216 3.20 -13.90 -27.47
N ALA A 217 3.45 -14.69 -26.42
CA ALA A 217 3.05 -14.26 -25.08
C ALA A 217 3.66 -12.93 -24.66
N ILE A 218 4.98 -12.83 -24.81
CA ILE A 218 5.67 -11.60 -24.46
C ILE A 218 5.17 -10.41 -25.30
N ASP A 219 5.01 -10.62 -26.60
CA ASP A 219 4.48 -9.56 -27.47
C ASP A 219 3.07 -9.12 -27.04
N HIS A 220 2.22 -10.08 -26.72
CA HIS A 220 0.88 -9.75 -26.23
C HIS A 220 0.96 -8.93 -24.94
N ALA A 221 1.81 -9.37 -24.01
CA ALA A 221 2.01 -8.65 -22.76
C ALA A 221 2.46 -7.20 -23.00
N ALA A 222 3.41 -7.02 -23.90
CA ALA A 222 3.93 -5.67 -24.14
C ALA A 222 2.82 -4.81 -24.75
N ASP A 223 2.05 -5.40 -25.65
CA ASP A 223 0.90 -4.71 -26.24
C ASP A 223 -0.09 -4.22 -25.18
N LEU A 224 -0.39 -5.10 -24.22
CA LEU A 224 -1.31 -4.76 -23.12
C LEU A 224 -0.77 -3.60 -22.31
N LEU A 225 0.52 -3.64 -22.00
CA LEU A 225 1.14 -2.56 -21.21
C LEU A 225 1.09 -1.23 -21.94
N LEU A 226 1.38 -1.25 -23.23
CA LEU A 226 1.38 -0.03 -24.02
C LEU A 226 -0.05 0.53 -24.21
N SER A 227 -1.02 -0.35 -24.40
CA SER A 227 -2.43 0.09 -24.51
C SER A 227 -2.90 0.67 -23.20
N HIS A 228 -2.48 0.05 -22.10
CA HIS A 228 -2.88 0.53 -20.78
C HIS A 228 -2.31 1.92 -20.51
N ALA A 229 -1.04 2.11 -20.85
CA ALA A 229 -0.38 3.41 -20.69
C ALA A 229 -1.15 4.51 -21.39
N ARG A 230 -1.67 4.21 -22.57
CA ARG A 230 -2.43 5.19 -23.35
C ARG A 230 -3.80 5.43 -22.71
N ASN A 231 -4.42 4.38 -22.20
CA ASN A 231 -5.68 4.52 -21.48
C ASN A 231 -5.51 5.37 -20.22
N VAL A 232 -4.46 5.10 -19.47
CA VAL A 232 -4.18 5.87 -18.26
C VAL A 232 -3.94 7.34 -18.61
N ASP A 233 -3.37 7.58 -19.79
CA ASP A 233 -3.18 8.93 -20.29
C ASP A 233 -4.50 9.52 -20.78
N ALA B 3 4.89 -10.74 12.11
CA ALA B 3 3.77 -11.50 12.63
C ALA B 3 2.91 -10.63 13.51
N MSE B 4 3.40 -10.32 14.71
CA MSE B 4 2.72 -9.40 15.60
C MSE B 4 2.58 -8.03 14.95
O MSE B 4 1.67 -7.26 15.29
CB MSE B 4 3.51 -9.26 16.91
CG MSE B 4 4.95 -8.84 16.69
SE MSE B 4 5.77 -8.42 18.39
CE MSE B 4 4.23 -7.52 19.17
N THR B 5 3.48 -7.72 14.03
CA THR B 5 3.39 -6.51 13.23
C THR B 5 2.05 -6.47 12.48
N ARG B 6 1.72 -7.54 11.78
CA ARG B 6 0.44 -7.62 11.07
C ARG B 6 -0.75 -7.61 12.03
N GLU B 7 -0.53 -8.07 13.26
CA GLU B 7 -1.58 -8.20 14.25
C GLU B 7 -1.79 -6.90 15.02
N ALA B 8 -0.78 -6.05 15.01
CA ALA B 8 -0.78 -4.85 15.83
C ALA B 8 -1.19 -3.60 15.06
N THR B 9 -2.00 -3.78 14.02
CA THR B 9 -2.52 -2.64 13.24
C THR B 9 -3.07 -1.57 14.17
N ILE B 10 -2.73 -0.33 13.88
CA ILE B 10 -3.21 0.79 14.69
C ILE B 10 -4.43 1.41 14.04
N ARG B 11 -5.47 1.64 14.86
CA ARG B 11 -6.75 2.19 14.38
C ARG B 11 -7.09 3.43 15.21
N GLN B 12 -7.22 4.57 14.53
CA GLN B 12 -7.46 5.83 15.25
C GLN B 12 -8.51 6.67 14.57
N ILE B 13 -9.20 7.47 15.39
CA ILE B 13 -10.18 8.44 14.93
C ILE B 13 -9.67 9.77 15.43
N LEU B 14 -9.50 10.72 14.52
CA LEU B 14 -9.04 12.06 14.90
C LEU B 14 -10.17 13.05 14.65
N VAL B 15 -10.66 13.69 15.70
CA VAL B 15 -11.80 14.60 15.57
C VAL B 15 -11.27 16.02 15.66
N ILE B 16 -11.56 16.84 14.66
CA ILE B 16 -11.13 18.22 14.65
C ILE B 16 -12.37 19.08 14.67
N THR B 17 -12.52 19.89 15.72
CA THR B 17 -13.79 20.54 15.98
C THR B 17 -13.59 21.85 16.73
N ASP B 18 -14.55 22.78 16.59
CA ASP B 18 -14.45 24.05 17.30
C ASP B 18 -15.68 24.33 18.18
N GLY B 19 -16.50 23.31 18.42
CA GLY B 19 -17.73 23.50 19.16
C GLY B 19 -18.20 22.25 19.88
N CYS B 20 -19.27 22.39 20.66
CA CYS B 20 -19.87 21.27 21.38
C CYS B 20 -20.85 20.54 20.47
N SER B 21 -20.93 19.22 20.62
CA SER B 21 -21.95 18.47 19.90
C SER B 21 -23.36 18.98 20.26
N ASN B 22 -24.29 18.86 19.32
CA ASN B 22 -25.68 19.22 19.59
C ASN B 22 -26.67 18.48 18.71
N ILE B 23 -26.18 17.45 18.03
CA ILE B 23 -27.02 16.63 17.17
C ILE B 23 -26.60 15.19 17.34
N GLY B 24 -27.56 14.31 17.61
CA GLY B 24 -27.27 12.89 17.70
C GLY B 24 -26.77 12.46 19.06
N PRO B 25 -26.42 11.18 19.18
CA PRO B 25 -25.95 10.58 20.44
C PRO B 25 -24.72 11.27 21.04
N ASP B 26 -24.61 11.18 22.37
CA ASP B 26 -23.48 11.72 23.12
C ASP B 26 -22.17 11.22 22.54
N PRO B 27 -21.26 12.14 22.15
CA PRO B 27 -20.01 11.67 21.55
C PRO B 27 -19.05 11.01 22.54
N VAL B 28 -19.19 11.29 23.83
CA VAL B 28 -18.36 10.64 24.83
C VAL B 28 -18.69 9.14 24.85
N GLU B 29 -19.99 8.84 24.74
CA GLU B 29 -20.42 7.44 24.66
C GLU B 29 -19.98 6.78 23.36
N ALA B 30 -20.11 7.50 22.26
CA ALA B 30 -19.59 7.00 20.98
C ALA B 30 -18.11 6.66 21.05
N ALA B 31 -17.31 7.53 21.68
CA ALA B 31 -15.87 7.27 21.79
C ALA B 31 -15.62 6.05 22.67
N ARG B 32 -16.40 5.91 23.74
CA ARG B 32 -16.24 4.76 24.62
C ARG B 32 -16.58 3.46 23.86
N ARG B 33 -17.59 3.52 23.00
CA ARG B 33 -17.96 2.37 22.17
C ARG B 33 -16.83 2.00 21.21
N ALA B 34 -16.27 3.01 20.55
CA ALA B 34 -15.17 2.77 19.61
C ALA B 34 -13.97 2.13 20.33
N HIS B 35 -13.67 2.61 21.52
CA HIS B 35 -12.50 2.14 22.24
C HIS B 35 -12.65 0.68 22.64
N ARG B 36 -13.89 0.22 22.80
CA ARG B 36 -14.11 -1.21 23.07
C ARG B 36 -13.56 -2.10 21.95
N HIS B 37 -13.44 -1.54 20.75
CA HIS B 37 -12.82 -2.25 19.61
C HIS B 37 -11.32 -2.01 19.46
N GLY B 38 -10.70 -1.35 20.44
CA GLY B 38 -9.28 -1.07 20.40
C GLY B 38 -8.95 0.19 19.62
N ILE B 39 -9.98 0.87 19.11
CA ILE B 39 -9.81 2.14 18.41
C ILE B 39 -9.47 3.25 19.42
N VAL B 40 -8.51 4.11 19.06
CA VAL B 40 -8.17 5.25 19.92
C VAL B 40 -8.76 6.52 19.31
N VAL B 41 -9.48 7.30 20.10
CA VAL B 41 -10.08 8.57 19.64
C VAL B 41 -9.28 9.77 20.18
N ASN B 42 -8.67 10.52 19.26
CA ASN B 42 -7.94 11.74 19.60
C ASN B 42 -8.78 12.93 19.18
N VAL B 43 -8.65 14.04 19.91
CA VAL B 43 -9.46 15.22 19.66
C VAL B 43 -8.61 16.48 19.61
N ILE B 44 -8.81 17.29 18.57
CA ILE B 44 -8.25 18.62 18.50
C ILE B 44 -9.38 19.62 18.62
N GLY B 45 -9.36 20.40 19.70
CA GLY B 45 -10.34 21.46 19.88
C GLY B 45 -9.71 22.75 19.37
N ILE B 46 -10.41 23.46 18.51
CA ILE B 46 -9.83 24.67 17.95
C ILE B 46 -10.29 25.90 18.72
N VAL B 47 -9.34 26.76 19.05
CA VAL B 47 -9.67 28.11 19.54
C VAL B 47 -10.15 28.94 18.36
N GLY B 48 -11.30 29.60 18.51
CA GLY B 48 -11.86 30.40 17.44
C GLY B 48 -13.36 30.54 17.53
N ALA B 52 -17.52 26.07 22.51
CA ALA B 52 -16.61 25.03 23.02
C ALA B 52 -15.72 25.58 24.12
N GLY B 53 -15.17 26.77 23.90
CA GLY B 53 -14.33 27.43 24.88
C GLY B 53 -15.10 27.88 26.12
N GLU B 54 -16.42 27.98 25.99
CA GLU B 54 -17.24 28.49 27.08
C GLU B 54 -17.28 27.53 28.28
N GLN B 55 -17.03 26.24 28.04
CA GLN B 55 -16.95 25.22 29.08
C GLN B 55 -15.51 24.73 29.28
N GLY B 56 -14.54 25.46 28.73
CA GLY B 56 -13.15 25.01 28.81
C GLY B 56 -12.93 23.74 28.01
N TYR B 57 -13.73 23.55 26.96
CA TYR B 57 -13.57 22.39 26.08
C TYR B 57 -13.75 21.08 26.86
N GLN B 58 -14.65 21.10 27.83
CA GLN B 58 -14.87 19.91 28.65
C GLN B 58 -15.27 18.67 27.83
N GLU B 59 -16.17 18.85 26.87
CA GLU B 59 -16.61 17.69 26.09
C GLU B 59 -15.47 17.13 25.27
N ALA B 60 -14.68 18.02 24.65
CA ALA B 60 -13.55 17.55 23.86
C ALA B 60 -12.60 16.68 24.70
N HIS B 61 -12.34 17.11 25.95
CA HIS B 61 -11.50 16.30 26.83
C HIS B 61 -12.19 14.99 27.23
N SER B 62 -13.50 15.04 27.51
CA SER B 62 -14.24 13.83 27.88
C SER B 62 -14.26 12.80 26.75
N ILE B 63 -14.43 13.28 25.52
CA ILE B 63 -14.36 12.40 24.36
C ILE B 63 -13.01 11.68 24.29
N ALA B 64 -11.92 12.43 24.37
CA ALA B 64 -10.60 11.81 24.25
C ALA B 64 -10.36 10.81 25.39
N ASP B 65 -10.81 11.19 26.58
CA ASP B 65 -10.61 10.33 27.75
C ASP B 65 -11.34 9.01 27.55
N ALA B 66 -12.61 9.10 27.19
CA ALA B 66 -13.43 7.91 26.94
C ALA B 66 -12.91 7.08 25.77
N GLY B 67 -12.32 7.75 24.79
CA GLY B 67 -11.78 7.09 23.61
C GLY B 67 -10.36 6.55 23.73
N GLY B 68 -9.75 6.64 24.92
CA GLY B 68 -8.42 6.11 25.11
C GLY B 68 -7.35 6.93 24.42
N GLY B 69 -7.68 8.17 24.04
CA GLY B 69 -6.74 9.03 23.33
C GLY B 69 -6.40 10.32 24.04
N MSE B 70 -5.95 11.30 23.25
CA MSE B 70 -5.46 12.57 23.79
C MSE B 70 -6.30 13.73 23.24
O MSE B 70 -6.86 13.64 22.14
CB MSE B 70 -3.99 12.81 23.36
CG MSE B 70 -2.95 11.90 24.04
SE MSE B 70 -1.30 12.07 23.30
CE MSE B 70 -1.19 13.85 23.22
N CYS B 71 -6.38 14.81 24.02
CA CYS B 71 -7.03 16.04 23.57
C CYS B 71 -6.03 17.19 23.65
N ARG B 72 -5.95 17.99 22.59
CA ARG B 72 -5.17 19.22 22.64
C ARG B 72 -6.00 20.38 22.10
N ILE B 73 -5.85 21.55 22.71
CA ILE B 73 -6.59 22.74 22.31
C ILE B 73 -5.60 23.69 21.65
N VAL B 74 -5.80 24.04 20.38
CA VAL B 74 -4.78 24.83 19.66
C VAL B 74 -5.40 25.86 18.71
N GLN B 75 -4.58 26.82 18.27
CA GLN B 75 -4.96 27.67 17.15
C GLN B 75 -4.89 26.87 15.87
N PRO B 76 -5.65 27.28 14.85
CA PRO B 76 -5.72 26.56 13.58
C PRO B 76 -4.34 26.35 12.95
N ALA B 77 -3.43 27.30 13.11
CA ALA B 77 -2.12 27.19 12.48
C ALA B 77 -1.33 25.99 13.02
N ASP B 78 -1.67 25.54 14.21
CA ASP B 78 -0.90 24.51 14.88
C ASP B 78 -1.56 23.13 14.77
N ILE B 79 -2.62 23.01 13.98
CA ILE B 79 -3.32 21.73 13.88
C ILE B 79 -2.46 20.56 13.39
N SER B 80 -1.68 20.76 12.32
CA SER B 80 -0.97 19.63 11.75
C SER B 80 0.11 19.10 12.69
N ALA B 81 0.91 20.02 13.23
CA ALA B 81 1.97 19.63 14.17
C ALA B 81 1.38 18.90 15.37
N THR B 82 0.31 19.46 15.94
CA THR B 82 -0.33 18.81 17.08
C THR B 82 -0.97 17.45 16.74
N ALA B 83 -1.64 17.37 15.60
CA ALA B 83 -2.15 16.08 15.12
C ALA B 83 -1.04 15.02 14.93
N GLN B 84 0.10 15.44 14.40
CA GLN B 84 1.23 14.51 14.26
C GLN B 84 1.72 14.03 15.62
N MSE B 85 1.93 14.98 16.54
CA MSE B 85 2.34 14.66 17.90
C MSE B 85 1.41 13.62 18.54
O MSE B 85 1.86 12.59 19.04
CB MSE B 85 2.36 15.94 18.76
CG MSE B 85 2.85 15.74 20.21
SE MSE B 85 1.65 15.16 21.41
CE MSE B 85 0.41 16.48 21.37
N MSE B 86 0.10 13.89 18.51
CA MSE B 86 -0.85 13.02 19.18
C MSE B 86 -0.92 11.66 18.50
O MSE B 86 -1.06 10.64 19.17
CB MSE B 86 -2.28 13.63 19.22
CG MSE B 86 -2.54 14.69 20.32
SE MSE B 86 -4.31 15.27 20.32
CE MSE B 86 -4.60 15.08 18.58
N THR B 87 -0.89 11.66 17.17
CA THR B 87 -0.95 10.39 16.42
C THR B 87 0.25 9.51 16.79
N HIS B 88 1.45 10.07 16.72
CA HIS B 88 2.64 9.29 17.04
C HIS B 88 2.66 8.85 18.51
N GLN B 89 2.29 9.76 19.41
CA GLN B 89 2.35 9.47 20.83
C GLN B 89 1.36 8.40 21.25
N THR B 90 0.11 8.48 20.76
CA THR B 90 -0.88 7.46 21.11
C THR B 90 -0.53 6.12 20.46
N MSE B 91 0.03 6.15 19.24
CA MSE B 91 0.43 4.91 18.60
C MSE B 91 1.51 4.25 19.43
O MSE B 91 1.48 3.03 19.66
CB MSE B 91 0.93 5.15 17.15
CG MSE B 91 1.45 3.88 16.43
SE MSE B 91 1.59 3.99 14.62
CE MSE B 91 2.33 5.60 14.44
N GLN B 92 2.46 5.05 19.91
CA GLN B 92 3.55 4.53 20.73
C GLN B 92 3.01 3.88 22.02
N MSE B 93 2.08 4.55 22.70
CA MSE B 93 1.49 4.02 23.94
C MSE B 93 0.73 2.73 23.71
O MSE B 93 0.84 1.79 24.50
CB MSE B 93 0.61 5.08 24.66
CG MSE B 93 1.45 6.25 25.25
SE MSE B 93 0.51 7.56 26.12
CE MSE B 93 -0.35 8.33 24.76
N THR B 94 -0.03 2.67 22.63
CA THR B 94 -0.82 1.50 22.31
C THR B 94 0.10 0.31 22.06
N LEU B 95 1.15 0.55 21.28
CA LEU B 95 2.07 -0.52 20.90
C LEU B 95 2.89 -0.97 22.11
N GLN B 96 3.28 -0.02 22.96
CA GLN B 96 3.95 -0.38 24.20
C GLN B 96 3.08 -1.29 25.05
N GLN B 97 1.77 -1.03 25.05
CA GLN B 97 0.88 -1.82 25.89
C GLN B 97 0.66 -3.20 25.29
N VAL B 98 0.60 -3.28 23.96
CA VAL B 98 0.56 -4.55 23.26
C VAL B 98 1.73 -5.46 23.66
N VAL B 99 2.94 -4.92 23.62
CA VAL B 99 4.12 -5.72 23.90
C VAL B 99 4.18 -6.07 25.40
N ASN B 100 3.76 -5.13 26.23
CA ASN B 100 3.67 -5.37 27.66
C ASN B 100 2.76 -6.55 27.98
N GLN B 101 1.60 -6.60 27.32
CA GLN B 101 0.67 -7.72 27.50
C GLN B 101 1.29 -9.06 27.05
N GLU B 102 2.00 -9.04 25.93
CA GLU B 102 2.69 -10.24 25.48
C GLU B 102 3.74 -10.72 26.48
N LEU B 103 4.48 -9.78 27.06
CA LEU B 103 5.51 -10.12 28.04
C LEU B 103 4.89 -10.68 29.33
N LEU B 104 3.80 -10.07 29.79
CA LEU B 104 3.09 -10.57 30.96
C LEU B 104 2.59 -12.00 30.75
N ALA B 105 2.13 -12.28 29.55
CA ALA B 105 1.62 -13.60 29.21
C ALA B 105 2.73 -14.67 29.22
N VAL B 106 3.93 -14.32 28.74
CA VAL B 106 5.01 -15.32 28.70
C VAL B 106 5.87 -15.42 29.95
N MSE B 107 6.09 -14.28 30.60
CA MSE B 107 7.05 -14.16 31.70
C MSE B 107 6.40 -13.85 33.05
O MSE B 107 6.98 -14.08 34.10
CB MSE B 107 8.04 -13.01 31.42
CG MSE B 107 9.12 -13.28 30.40
SE MSE B 107 10.75 -13.26 31.18
CE MSE B 107 10.50 -14.38 32.54
N GLY B 108 5.20 -13.28 33.00
CA GLY B 108 4.57 -12.80 34.21
C GLY B 108 5.26 -11.56 34.73
N LYS B 109 5.92 -10.83 33.83
CA LYS B 109 6.57 -9.57 34.18
C LYS B 109 6.08 -8.48 33.24
N SER B 110 6.04 -7.25 33.73
CA SER B 110 5.77 -6.12 32.85
C SER B 110 7.09 -5.49 32.41
N THR B 111 7.06 -4.67 31.36
CA THR B 111 8.29 -4.09 30.85
C THR B 111 9.05 -3.35 31.93
N GLU B 112 8.32 -2.72 32.85
CA GLU B 112 8.95 -1.93 33.91
C GLU B 112 9.60 -2.81 34.97
N ASP B 113 9.30 -4.10 34.98
CA ASP B 113 9.90 -5.03 35.92
C ASP B 113 11.24 -5.56 35.38
N LEU B 114 11.56 -5.24 34.14
CA LEU B 114 12.75 -5.82 33.49
C LEU B 114 14.02 -5.03 33.82
N PRO B 115 15.16 -5.71 33.84
CA PRO B 115 16.44 -4.99 33.93
C PRO B 115 16.54 -4.06 32.72
N PRO B 116 17.22 -2.92 32.85
CA PRO B 116 17.38 -1.97 31.74
C PRO B 116 17.79 -2.60 30.40
N ALA B 117 18.71 -3.56 30.39
CA ALA B 117 19.13 -4.14 29.09
C ALA B 117 17.98 -4.86 28.39
N ASP B 118 17.17 -5.55 29.19
CA ASP B 118 16.04 -6.28 28.61
C ASP B 118 14.92 -5.32 28.23
N ARG B 119 14.70 -4.31 29.06
CA ARG B 119 13.72 -3.28 28.74
C ARG B 119 14.07 -2.65 27.40
N ALA B 120 15.37 -2.43 27.18
CA ALA B 120 15.84 -1.86 25.92
C ALA B 120 15.53 -2.76 24.73
N ARG B 121 15.69 -4.08 24.90
CA ARG B 121 15.34 -5.03 23.84
C ARG B 121 13.85 -4.97 23.53
N VAL B 122 13.03 -4.87 24.56
CA VAL B 122 11.58 -4.83 24.37
C VAL B 122 11.19 -3.54 23.69
N MSE B 123 11.86 -2.45 24.06
CA MSE B 123 11.59 -1.17 23.41
C MSE B 123 12.04 -1.15 21.94
O MSE B 123 11.48 -0.40 21.14
CB MSE B 123 12.22 -0.02 24.19
CG MSE B 123 11.48 0.28 25.50
SE MSE B 123 9.73 0.73 25.23
CE MSE B 123 8.94 -0.56 26.09
N GLN B 124 13.04 -1.96 21.59
CA GLN B 124 13.42 -2.11 20.19
C GLN B 124 12.30 -2.73 19.37
N VAL B 125 11.60 -3.70 19.95
CA VAL B 125 10.47 -4.31 19.32
C VAL B 125 9.35 -3.27 19.11
N VAL B 126 9.09 -2.45 20.13
CA VAL B 126 8.03 -1.45 20.06
C VAL B 126 8.34 -0.44 18.96
N GLU B 127 9.60 -0.04 18.91
CA GLU B 127 10.08 0.95 17.96
C GLU B 127 10.00 0.44 16.51
N LYS B 128 10.23 -0.85 16.31
CA LYS B 128 10.04 -1.45 14.99
C LYS B 128 8.57 -1.40 14.64
N LEU B 129 7.72 -1.74 15.60
CA LEU B 129 6.29 -1.72 15.35
C LEU B 129 5.80 -0.30 15.01
N GLU B 130 6.29 0.70 15.72
CA GLU B 130 5.89 2.07 15.45
C GLU B 130 6.09 2.46 13.99
N ASP B 131 7.16 1.95 13.40
CA ASP B 131 7.51 2.27 12.03
C ASP B 131 6.81 1.38 11.00
N GLU B 132 6.57 0.12 11.36
CA GLU B 132 6.19 -0.91 10.42
C GLU B 132 4.70 -1.34 10.38
N VAL B 133 3.98 -1.14 11.47
N VAL B 133 3.99 -1.18 11.49
CA VAL B 133 2.59 -1.58 11.51
CA VAL B 133 2.59 -1.58 11.54
C VAL B 133 1.73 -0.73 10.59
C VAL B 133 1.74 -0.73 10.58
N ALA B 134 0.63 -1.29 10.11
CA ALA B 134 -0.35 -0.52 9.34
C ALA B 134 -1.01 0.50 10.26
N LEU B 135 -1.25 1.70 9.73
CA LEU B 135 -1.95 2.74 10.48
C LEU B 135 -3.24 3.03 9.74
N HIS B 136 -4.38 2.83 10.41
CA HIS B 136 -5.68 3.15 9.81
C HIS B 136 -6.27 4.33 10.56
N LEU B 137 -6.54 5.42 9.84
CA LEU B 137 -6.92 6.67 10.50
C LEU B 137 -8.13 7.27 9.82
N VAL B 138 -9.15 7.61 10.60
CA VAL B 138 -10.28 8.35 10.07
C VAL B 138 -10.22 9.74 10.67
N VAL B 139 -10.11 10.76 9.81
CA VAL B 139 -10.19 12.14 10.28
C VAL B 139 -11.63 12.64 10.16
N CYS B 140 -12.19 13.10 11.28
CA CYS B 140 -13.53 13.64 11.29
C CYS B 140 -13.46 15.15 11.37
N LEU B 141 -14.00 15.83 10.36
CA LEU B 141 -13.89 17.28 10.27
C LEU B 141 -15.22 17.96 10.48
N ASP B 142 -15.26 18.82 11.49
CA ASP B 142 -16.41 19.64 11.85
C ASP B 142 -16.63 20.65 10.73
N THR B 143 -17.82 20.66 10.13
CA THR B 143 -18.15 21.63 9.09
C THR B 143 -19.32 22.52 9.51
N SER B 144 -19.59 22.56 10.80
CA SER B 144 -20.67 23.40 11.30
C SER B 144 -20.45 24.86 10.92
N ALA B 145 -21.49 25.67 11.07
CA ALA B 145 -21.47 27.06 10.64
C ALA B 145 -20.22 27.83 11.03
N SER B 146 -19.78 27.69 12.27
CA SER B 146 -18.71 28.57 12.77
C SER B 146 -17.31 28.16 12.29
N MSE B 147 -17.23 27.02 11.62
CA MSE B 147 -15.96 26.55 11.09
C MSE B 147 -15.60 27.27 9.78
O MSE B 147 -14.49 27.11 9.27
CB MSE B 147 -16.00 25.03 10.84
CG MSE B 147 -15.91 24.17 12.11
SE MSE B 147 -14.28 24.13 12.87
CE MSE B 147 -13.34 23.37 11.53
N ARG B 148 -16.51 28.09 9.25
CA ARG B 148 -16.29 28.66 7.92
C ARG B 148 -14.93 29.33 7.75
N ASP B 149 -14.52 30.10 8.74
CA ASP B 149 -13.26 30.85 8.68
C ASP B 149 -12.00 29.97 8.78
N LYS B 150 -12.15 28.77 9.33
CA LYS B 150 -11.01 27.90 9.60
C LYS B 150 -10.81 26.77 8.58
N ILE B 151 -11.83 26.52 7.76
CA ILE B 151 -11.81 25.38 6.85
C ILE B 151 -10.59 25.32 5.91
N PRO B 152 -10.20 26.47 5.34
CA PRO B 152 -9.02 26.42 4.47
C PRO B 152 -7.77 25.95 5.23
N THR B 153 -7.55 26.50 6.42
CA THR B 153 -6.40 26.11 7.22
C THR B 153 -6.46 24.63 7.64
N VAL B 154 -7.65 24.15 7.99
N VAL B 154 -7.66 24.18 7.98
CA VAL B 154 -7.79 22.75 8.38
CA VAL B 154 -7.89 22.79 8.37
C VAL B 154 -7.56 21.79 7.22
C VAL B 154 -7.59 21.81 7.22
N ARG B 155 -8.07 22.10 6.04
CA ARG B 155 -7.81 21.21 4.91
C ARG B 155 -6.32 21.13 4.59
N GLU B 156 -5.59 22.23 4.69
CA GLU B 156 -4.15 22.15 4.49
C GLU B 156 -3.46 21.36 5.61
N ALA B 157 -3.96 21.49 6.83
CA ALA B 157 -3.37 20.76 7.96
C ALA B 157 -3.58 19.27 7.79
N VAL B 158 -4.76 18.90 7.32
CA VAL B 158 -5.09 17.49 7.14
C VAL B 158 -4.24 16.87 6.04
N ARG B 159 -4.02 17.62 4.96
CA ARG B 159 -3.14 17.15 3.90
C ARG B 159 -1.71 16.97 4.43
N ASP B 160 -1.26 17.95 5.19
CA ASP B 160 0.08 17.94 5.70
C ASP B 160 0.27 16.78 6.67
N LEU B 161 -0.73 16.53 7.51
CA LEU B 161 -0.70 15.39 8.41
C LEU B 161 -0.52 14.07 7.68
N ALA B 162 -1.32 13.84 6.63
CA ALA B 162 -1.24 12.56 5.93
C ALA B 162 0.12 12.40 5.26
N LEU B 163 0.61 13.48 4.65
CA LEU B 163 1.94 13.43 4.04
C LEU B 163 3.03 13.11 5.05
N SER B 164 2.89 13.66 6.26
CA SER B 164 3.87 13.45 7.32
C SER B 164 3.89 12.00 7.81
N LEU B 165 2.72 11.40 7.87
CA LEU B 165 2.60 10.02 8.31
C LEU B 165 3.12 9.03 7.28
N LYS B 166 3.30 9.47 6.03
CA LYS B 166 3.77 8.56 4.99
C LYS B 166 5.24 8.27 5.09
N VAL B 167 5.93 8.98 5.98
CA VAL B 167 7.37 8.82 6.09
C VAL B 167 7.72 7.43 6.64
N ARG B 168 6.85 6.90 7.48
CA ARG B 168 7.08 5.58 8.07
C ARG B 168 7.05 4.48 7.01
N SER B 169 7.56 3.29 7.35
CA SER B 169 7.61 2.18 6.41
C SER B 169 6.24 1.51 6.25
N GLY B 170 5.47 1.47 7.33
CA GLY B 170 4.20 0.76 7.33
C GLY B 170 3.14 1.42 6.48
N PRO B 171 2.10 0.65 6.11
CA PRO B 171 1.03 1.15 5.26
C PRO B 171 0.21 2.21 5.98
N LEU B 172 -0.24 3.22 5.24
CA LEU B 172 -1.13 4.24 5.75
C LEU B 172 -2.44 4.15 5.01
N ALA B 173 -3.53 4.11 5.77
CA ALA B 173 -4.87 4.18 5.18
C ALA B 173 -5.58 5.32 5.89
N VAL B 174 -5.89 6.38 5.15
CA VAL B 174 -6.54 7.53 5.77
C VAL B 174 -7.88 7.80 5.08
N SER B 175 -8.92 8.00 5.87
CA SER B 175 -10.23 8.36 5.35
C SER B 175 -10.65 9.67 6.02
N VAL B 176 -11.60 10.36 5.41
CA VAL B 176 -12.07 11.63 5.95
C VAL B 176 -13.59 11.65 5.93
N ILE B 177 -14.19 12.00 7.06
CA ILE B 177 -15.63 12.21 7.08
C ILE B 177 -15.92 13.65 7.53
N ALA B 178 -17.00 14.23 7.00
CA ALA B 178 -17.43 15.57 7.39
C ALA B 178 -18.64 15.44 8.31
N PHE B 179 -18.76 16.32 9.30
CA PHE B 179 -19.96 16.39 10.12
C PHE B 179 -20.30 17.87 10.39
N PRO B 180 -21.51 18.30 9.99
CA PRO B 180 -22.52 17.49 9.29
C PRO B 180 -22.15 17.23 7.82
N GLY B 181 -22.87 16.31 7.22
CA GLY B 181 -22.69 16.06 5.79
C GLY B 181 -23.57 17.03 5.03
N LYS B 182 -24.36 16.51 4.09
CA LYS B 182 -25.32 17.33 3.35
C LYS B 182 -26.67 16.66 3.23
N GLU B 185 -26.74 13.83 5.42
CA GLU B 185 -27.35 13.70 6.74
C GLU B 185 -26.43 14.22 7.83
N ALA B 186 -26.31 13.46 8.92
CA ALA B 186 -25.48 13.84 10.04
C ALA B 186 -23.99 13.82 9.69
N THR B 187 -23.62 12.95 8.76
CA THR B 187 -22.22 12.84 8.35
C THR B 187 -22.19 12.56 6.85
N ARG B 188 -21.03 12.75 6.25
CA ARG B 188 -20.82 12.39 4.86
C ARG B 188 -19.41 11.90 4.67
N LEU B 189 -19.25 10.84 3.89
CA LEU B 189 -17.92 10.31 3.62
C LEU B 189 -17.26 11.15 2.52
N VAL B 190 -16.15 11.77 2.84
CA VAL B 190 -15.48 12.70 1.93
C VAL B 190 -14.49 11.97 1.04
N GLN B 191 -13.72 11.06 1.65
CA GLN B 191 -12.92 10.15 0.85
C GLN B 191 -12.82 8.82 1.56
N PRO B 192 -12.83 7.74 0.79
CA PRO B 192 -12.59 6.39 1.31
C PRO B 192 -11.13 6.27 1.72
N PHE B 193 -10.78 5.18 2.39
CA PHE B 193 -9.39 4.98 2.76
C PHE B 193 -8.47 5.01 1.57
N SER B 194 -7.39 5.77 1.70
CA SER B 194 -6.33 5.72 0.69
C SER B 194 -5.02 6.15 1.35
N SER B 195 -3.94 6.05 0.60
CA SER B 195 -2.63 6.37 1.14
C SER B 195 -2.41 7.86 1.19
N GLU B 196 -3.31 8.63 0.56
CA GLU B 196 -3.13 10.08 0.50
C GLU B 196 -4.45 10.83 0.75
N VAL B 197 -4.36 12.09 1.15
CA VAL B 197 -5.54 12.97 1.22
C VAL B 197 -5.82 13.60 -0.16
N ASN B 198 -7.02 13.35 -0.67
CA ASN B 198 -7.48 13.92 -1.93
C ASN B 198 -7.84 15.40 -1.74
N VAL B 199 -6.94 16.29 -2.15
CA VAL B 199 -7.09 17.72 -1.87
C VAL B 199 -8.31 18.33 -2.56
N ALA B 200 -8.60 17.88 -3.78
CA ALA B 200 -9.72 18.39 -4.54
C ALA B 200 -11.05 18.05 -3.87
N ALA B 201 -11.18 16.81 -3.42
CA ALA B 201 -12.37 16.38 -2.72
C ALA B 201 -12.60 17.20 -1.44
N LEU B 202 -11.52 17.48 -0.71
CA LEU B 202 -11.62 18.31 0.50
C LEU B 202 -12.17 19.70 0.21
N GLU B 203 -11.67 20.33 -0.85
CA GLU B 203 -12.13 21.67 -1.20
C GLU B 203 -13.62 21.67 -1.54
N ALA B 204 -14.06 20.62 -2.23
CA ALA B 204 -15.44 20.55 -2.72
C ALA B 204 -16.44 20.15 -1.65
N GLU B 205 -16.03 19.28 -0.73
CA GLU B 205 -16.96 18.69 0.24
C GLU B 205 -17.08 19.47 1.55
N LEU B 206 -16.11 20.31 1.87
CA LEU B 206 -16.11 20.99 3.16
C LEU B 206 -16.70 22.40 3.08
N VAL B 207 -17.99 22.52 3.39
CA VAL B 207 -18.65 23.82 3.40
C VAL B 207 -19.34 24.03 4.76
N ALA B 208 -19.05 25.16 5.38
CA ALA B 208 -19.53 25.40 6.73
C ALA B 208 -21.02 25.74 6.72
N ARG B 209 -21.79 24.96 7.49
CA ARG B 209 -23.22 25.16 7.63
C ARG B 209 -23.76 24.17 8.65
N GLY B 210 -24.74 24.60 9.41
CA GLY B 210 -25.46 23.69 10.30
C GLY B 210 -24.83 23.48 11.66
N GLY B 211 -25.34 22.46 12.35
CA GLY B 211 -24.94 22.15 13.72
C GLY B 211 -23.77 21.17 13.76
N THR B 212 -23.65 20.47 14.89
CA THR B 212 -22.44 19.71 15.16
C THR B 212 -22.75 18.29 15.62
N PRO B 213 -22.87 17.34 14.66
CA PRO B 213 -23.17 15.94 14.99
C PRO B 213 -21.92 15.12 15.34
N THR B 214 -21.28 15.43 16.46
CA THR B 214 -19.99 14.81 16.79
C THR B 214 -20.12 13.33 17.09
N GLY B 215 -21.18 12.94 17.79
CA GLY B 215 -21.41 11.53 18.08
C GLY B 215 -21.57 10.69 16.82
N PRO B 216 -22.48 11.12 15.93
CA PRO B 216 -22.60 10.40 14.64
C PRO B 216 -21.28 10.32 13.88
N ALA B 217 -20.45 11.36 13.96
CA ALA B 217 -19.16 11.32 13.27
C ALA B 217 -18.33 10.19 13.84
N ILE B 218 -18.25 10.13 15.16
CA ILE B 218 -17.41 9.09 15.79
C ILE B 218 -17.92 7.67 15.49
N ASP B 219 -19.23 7.47 15.57
CA ASP B 219 -19.81 6.18 15.23
C ASP B 219 -19.51 5.78 13.76
N HIS B 220 -19.69 6.73 12.86
CA HIS B 220 -19.42 6.47 11.44
C HIS B 220 -17.95 6.09 11.24
N ALA B 221 -17.07 6.86 11.87
CA ALA B 221 -15.65 6.60 11.76
C ALA B 221 -15.31 5.19 12.27
N ALA B 222 -15.92 4.80 13.37
CA ALA B 222 -15.62 3.49 13.92
C ALA B 222 -16.11 2.42 12.96
N ASP B 223 -17.30 2.60 12.40
CA ASP B 223 -17.81 1.66 11.39
C ASP B 223 -16.88 1.53 10.19
N LEU B 224 -16.32 2.66 9.73
CA LEU B 224 -15.38 2.64 8.61
C LEU B 224 -14.13 1.82 8.96
N LEU B 225 -13.64 1.99 10.17
CA LEU B 225 -12.42 1.28 10.60
C LEU B 225 -12.68 -0.22 10.69
N LEU B 226 -13.82 -0.58 11.26
CA LEU B 226 -14.16 -2.02 11.33
C LEU B 226 -14.35 -2.63 9.94
N SER B 227 -14.97 -1.88 9.02
CA SER B 227 -15.13 -2.37 7.65
C SER B 227 -13.75 -2.51 7.01
N HIS B 228 -12.89 -1.54 7.22
CA HIS B 228 -11.58 -1.60 6.56
C HIS B 228 -10.79 -2.81 7.05
N ALA B 229 -10.86 -3.10 8.34
CA ALA B 229 -10.18 -4.28 8.88
C ALA B 229 -10.64 -5.55 8.18
N ARG B 230 -11.95 -5.66 7.94
CA ARG B 230 -12.48 -6.81 7.20
C ARG B 230 -12.01 -6.79 5.75
N ASN B 231 -11.99 -5.60 5.15
CA ASN B 231 -11.56 -5.47 3.76
C ASN B 231 -10.07 -5.86 3.56
N VAL B 232 -9.21 -5.48 4.50
CA VAL B 232 -7.77 -5.80 4.35
C VAL B 232 -7.44 -7.22 4.81
N ASP B 233 -8.30 -7.80 5.65
CA ASP B 233 -8.11 -9.18 6.11
C ASP B 233 -8.69 -10.16 5.10
NA NA C . 6.39 -27.05 -20.97
C1 GOL D . 13.45 -28.04 -14.29
O1 GOL D . 14.84 -27.98 -14.24
C2 GOL D . 12.99 -29.27 -13.53
O2 GOL D . 14.05 -29.73 -12.73
C3 GOL D . 12.54 -30.34 -14.50
O3 GOL D . 11.80 -31.33 -13.83
C1 GOL E . 20.21 -12.13 -16.97
O1 GOL E . 21.34 -11.26 -17.04
C2 GOL E . 20.57 -13.28 -16.03
O2 GOL E . 21.04 -14.41 -16.73
C3 GOL E . 19.36 -13.69 -15.17
O3 GOL E . 19.27 -12.88 -14.01
NA NA F . -19.18 25.16 15.58
#